data_3H22
#
_entry.id   3H22
#
_cell.length_a   98.769
_cell.length_b   98.769
_cell.length_c   263.942
_cell.angle_alpha   90.00
_cell.angle_beta   90.00
_cell.angle_gamma   120.00
#
_symmetry.space_group_name_H-M   'P 62 2 2'
#
loop_
_entity.id
_entity.type
_entity.pdbx_description
1 polymer 'Dihydropteroate synthase'
2 non-polymer 2,6-diamino-5-nitrosopyrimidin-4(3H)-one
3 non-polymer 'SULFATE ION'
4 water water
#
_entity_poly.entity_id   1
_entity_poly.type   'polypeptide(L)'
_entity_poly.pdbx_seq_one_letter_code
;MGSSHHHHHHSSGLVPRGSHMKWDYDLRCGEYTLNLNEKTLIMGILNVTPDSFSDGGSYNEVDAAVRHAKEMRDEGAHII
DIGGESTRPGFAKVSVEEEIKRVVPMIQAVSKEVKLPISIDTYKAEVAKQAIEAGAHIINDIWGAKAEPKIAEVAAHYDV
PIILMHNRDNMNYRNLMADMIADLYDSIKIAKDAGVRDENIILDPGIGFAKTPEQNLEAMRNLEQLNVLGYPVLLGTSRK
SFIGHVLDLPVEERLEGTGATVCLGIEKGCEFVRVHDVKEMSRMAKMMDAMIGKGVK
;
_entity_poly.pdbx_strand_id   A,B
#
# COMPACT_ATOMS: atom_id res chain seq x y z
N LYS A 22 13.58 31.67 26.42
CA LYS A 22 12.55 31.05 27.39
C LYS A 22 12.73 29.57 27.71
N TRP A 23 12.85 28.71 26.70
CA TRP A 23 13.33 27.35 26.94
C TRP A 23 14.82 27.37 26.69
N ASP A 24 15.62 26.77 27.58
CA ASP A 24 17.08 26.85 27.45
C ASP A 24 17.67 25.58 26.86
N TYR A 25 16.74 24.70 26.46
CA TYR A 25 17.02 23.44 25.80
C TYR A 25 15.99 23.16 24.68
N ASP A 26 16.36 22.17 23.87
CA ASP A 26 15.54 21.62 22.78
C ASP A 26 14.86 20.29 23.14
N LEU A 27 13.71 19.99 22.55
CA LEU A 27 13.08 18.70 22.80
C LEU A 27 13.75 17.68 21.89
N ARG A 28 14.62 16.89 22.50
CA ARG A 28 15.37 15.86 21.84
C ARG A 28 14.54 14.60 21.57
N CYS A 29 14.48 14.20 20.29
CA CYS A 29 13.69 13.04 19.81
C CYS A 29 14.53 12.13 18.86
N GLY A 30 15.53 11.45 19.41
CA GLY A 30 16.39 10.58 18.59
C GLY A 30 16.90 11.33 17.37
N GLU A 31 16.39 10.98 16.20
CA GLU A 31 16.79 11.65 14.95
C GLU A 31 16.37 13.13 14.81
N TYR A 32 15.24 13.53 15.40
CA TYR A 32 14.67 14.88 15.19
C TYR A 32 14.76 15.72 16.48
N THR A 33 15.11 17.00 16.37
CA THR A 33 14.97 17.87 17.52
C THR A 33 13.91 18.95 17.31
N LEU A 34 13.04 19.14 18.30
CA LEU A 34 12.10 20.24 18.28
C LEU A 34 12.59 21.43 19.13
N ASN A 35 12.84 22.57 18.46
CA ASN A 35 13.12 23.84 19.15
C ASN A 35 11.82 24.32 19.71
N LEU A 36 11.79 24.71 21.00
CA LEU A 36 10.52 25.11 21.68
C LEU A 36 10.29 26.61 21.69
N ASN A 37 11.17 27.36 21.06
CA ASN A 37 11.11 28.79 21.15
C ASN A 37 10.63 29.46 19.87
N GLU A 38 10.96 28.86 18.74
CA GLU A 38 10.77 29.51 17.47
C GLU A 38 9.29 29.55 17.04
N LYS A 39 8.52 28.51 17.34
CA LYS A 39 7.17 28.44 16.86
C LYS A 39 6.28 27.53 17.69
N THR A 40 4.95 27.74 17.68
CA THR A 40 4.03 26.71 18.22
C THR A 40 4.10 25.42 17.38
N LEU A 41 4.32 24.29 18.02
CA LEU A 41 4.51 23.03 17.35
C LEU A 41 3.17 22.36 17.19
N ILE A 42 2.89 21.90 15.98
CA ILE A 42 1.59 21.30 15.63
C ILE A 42 1.69 19.78 15.71
N MET A 43 0.84 19.17 16.53
CA MET A 43 0.78 17.72 16.55
C MET A 43 -0.45 17.30 15.81
N GLY A 44 -0.22 16.51 14.76
CA GLY A 44 -1.28 16.02 13.86
C GLY A 44 -1.89 14.76 14.43
N ILE A 45 -3.20 14.68 14.46
CA ILE A 45 -3.86 13.50 15.04
C ILE A 45 -4.05 12.52 13.92
N LEU A 46 -3.29 11.42 13.96
CA LEU A 46 -3.46 10.42 12.92
C LEU A 46 -4.74 9.63 13.06
N ASN A 47 -5.42 9.59 11.91
CA ASN A 47 -6.69 8.96 11.62
C ASN A 47 -6.49 7.46 11.52
N VAL A 48 -7.07 6.69 12.43
CA VAL A 48 -6.70 5.28 12.53
C VAL A 48 -7.85 4.27 12.23
N THR A 49 -8.77 4.62 11.31
CA THR A 49 -9.88 3.70 10.95
C THR A 49 -9.39 2.25 10.76
N PRO A 50 -9.79 1.31 11.66
CA PRO A 50 -9.25 -0.06 11.55
C PRO A 50 -9.98 -0.90 10.49
N ASP A 51 -9.37 -2.00 10.09
CA ASP A 51 -10.00 -2.98 9.22
C ASP A 51 -10.74 -4.00 10.07
N SER A 52 -11.89 -4.46 9.58
CA SER A 52 -12.52 -5.65 10.16
C SER A 52 -11.81 -6.91 9.60
N PHE A 53 -10.57 -7.13 10.08
CA PHE A 53 -9.69 -8.29 9.79
C PHE A 53 -8.28 -8.05 10.36
N GLY A 56 -4.63 -6.26 12.70
CA GLY A 56 -3.73 -5.16 12.33
C GLY A 56 -2.82 -5.60 11.19
N GLY A 57 -2.05 -4.66 10.65
CA GLY A 57 -1.13 -4.98 9.56
C GLY A 57 -1.65 -4.86 8.13
N SER A 58 -2.96 -5.11 7.93
CA SER A 58 -3.52 -5.31 6.57
C SER A 58 -3.31 -4.05 5.73
N TYR A 59 -3.43 -4.20 4.39
CA TYR A 59 -2.93 -3.21 3.40
C TYR A 59 -3.67 -1.87 3.39
N ASN A 60 -5.04 -1.94 3.38
CA ASN A 60 -5.86 -0.70 3.40
C ASN A 60 -5.64 0.21 4.62
N GLU A 61 -5.44 -0.38 5.82
CA GLU A 61 -5.41 0.48 7.02
C GLU A 61 -4.06 1.15 7.22
N VAL A 62 -2.97 0.44 6.86
CA VAL A 62 -1.65 1.02 6.95
C VAL A 62 -1.43 2.07 5.85
N ASP A 63 -1.88 1.69 4.61
CA ASP A 63 -1.82 2.62 3.44
C ASP A 63 -2.63 3.94 3.73
N ALA A 64 -3.77 3.84 4.43
CA ALA A 64 -4.61 5.00 4.60
C ALA A 64 -3.99 5.87 5.71
N ALA A 65 -3.46 5.21 6.74
CA ALA A 65 -2.66 5.87 7.76
C ALA A 65 -1.43 6.56 7.17
N VAL A 66 -0.70 5.93 6.26
CA VAL A 66 0.44 6.60 5.62
C VAL A 66 0.00 7.84 4.76
N ARG A 67 -0.97 7.65 3.85
CA ARG A 67 -1.41 8.76 3.00
CA ARG A 67 -1.37 8.77 3.01
C ARG A 67 -1.82 9.93 3.89
N HIS A 68 -2.25 9.62 5.10
CA HIS A 68 -2.79 10.68 5.91
C HIS A 68 -1.73 11.34 6.78
N ALA A 69 -0.78 10.55 7.25
CA ALA A 69 0.43 11.13 7.84
C ALA A 69 1.14 12.05 6.84
N LYS A 70 1.11 11.70 5.57
CA LYS A 70 1.81 12.43 4.51
C LYS A 70 1.05 13.73 4.24
N GLU A 71 -0.26 13.64 4.17
CA GLU A 71 -1.05 14.84 4.05
C GLU A 71 -0.70 15.82 5.20
N MET A 72 -0.72 15.35 6.43
CA MET A 72 -0.45 16.23 7.52
C MET A 72 0.98 16.76 7.51
N ARG A 73 1.98 15.93 7.20
CA ARG A 73 3.34 16.44 7.02
C ARG A 73 3.31 17.61 6.02
N ASP A 74 2.74 17.39 4.84
CA ASP A 74 2.60 18.47 3.87
C ASP A 74 1.79 19.72 4.25
N GLU A 75 0.88 19.64 5.20
CA GLU A 75 0.17 20.87 5.58
C GLU A 75 0.59 21.58 6.88
N GLY A 76 1.71 21.16 7.45
CA GLY A 76 2.45 21.88 8.48
C GLY A 76 2.64 21.21 9.84
N ALA A 77 2.43 19.90 9.92
CA ALA A 77 2.44 19.17 11.21
C ALA A 77 3.89 18.91 11.56
N HIS A 78 4.24 18.96 12.85
CA HIS A 78 5.59 18.69 13.31
C HIS A 78 5.73 17.38 14.05
N ILE A 79 4.63 16.86 14.55
CA ILE A 79 4.59 15.54 15.19
C ILE A 79 3.37 14.83 14.62
N ILE A 80 3.46 13.52 14.43
CA ILE A 80 2.27 12.69 14.14
C ILE A 80 1.92 11.90 15.41
N ASP A 81 0.67 11.98 15.86
CA ASP A 81 0.14 11.29 17.05
C ASP A 81 -0.64 10.03 16.63
N ILE A 82 -0.17 8.87 17.07
CA ILE A 82 -0.72 7.59 16.63
C ILE A 82 -1.41 6.84 17.76
N GLY A 83 -2.73 6.67 17.67
CA GLY A 83 -3.55 6.22 18.79
C GLY A 83 -3.92 4.74 18.76
N GLY A 84 -3.77 4.07 19.90
CA GLY A 84 -4.21 2.65 20.02
C GLY A 84 -5.73 2.47 20.08
N SER A 95 -7.78 -4.29 24.91
CA SER A 95 -7.17 -5.60 24.74
C SER A 95 -5.71 -5.51 24.29
N VAL A 96 -4.79 -5.79 25.22
CA VAL A 96 -3.40 -5.31 25.16
C VAL A 96 -2.58 -5.80 23.95
N GLU A 97 -2.59 -7.11 23.68
CA GLU A 97 -1.81 -7.66 22.54
C GLU A 97 -2.43 -7.31 21.22
N GLU A 98 -3.72 -7.01 21.28
CA GLU A 98 -4.46 -6.53 20.14
C GLU A 98 -4.10 -5.09 19.79
N GLU A 99 -4.01 -4.22 20.80
CA GLU A 99 -3.59 -2.83 20.61
C GLU A 99 -2.24 -2.74 19.92
N ILE A 100 -1.36 -3.68 20.21
CA ILE A 100 0.01 -3.67 19.70
C ILE A 100 0.08 -4.11 18.23
N LYS A 101 -0.63 -5.20 17.91
CA LYS A 101 -0.81 -5.64 16.53
C LYS A 101 -1.45 -4.56 15.62
N ARG A 102 -2.36 -3.77 16.18
CA ARG A 102 -2.95 -2.66 15.44
C ARG A 102 -1.98 -1.51 15.24
N VAL A 103 -1.20 -1.18 16.27
CA VAL A 103 -0.47 0.07 16.26
C VAL A 103 0.99 -0.05 15.81
N VAL A 104 1.63 -1.18 16.10
CA VAL A 104 3.04 -1.37 15.70
C VAL A 104 3.31 -1.23 14.15
N PRO A 105 2.49 -1.90 13.28
CA PRO A 105 2.59 -1.75 11.84
C PRO A 105 2.41 -0.33 11.32
N MET A 106 1.58 0.46 11.96
CA MET A 106 1.45 1.82 11.50
C MET A 106 2.62 2.68 11.84
N ILE A 107 3.22 2.43 13.01
CA ILE A 107 4.44 3.14 13.42
C ILE A 107 5.65 2.77 12.51
N GLN A 108 5.80 1.49 12.20
CA GLN A 108 6.81 1.07 11.21
C GLN A 108 6.65 1.70 9.82
N ALA A 109 5.48 1.59 9.20
CA ALA A 109 5.24 2.17 7.89
C ALA A 109 5.30 3.70 7.88
N VAL A 110 4.85 4.35 8.95
CA VAL A 110 4.85 5.81 8.99
C VAL A 110 6.23 6.39 9.29
N SER A 111 6.94 5.83 10.28
CA SER A 111 8.27 6.34 10.63
C SER A 111 9.22 6.20 9.46
N LYS A 112 8.89 5.24 8.60
CA LYS A 112 9.65 4.88 7.43
C LYS A 112 9.41 5.92 6.35
N GLU A 113 8.10 6.19 6.13
CA GLU A 113 7.69 6.91 4.91
C GLU A 113 7.51 8.40 5.10
N VAL A 114 7.42 8.83 6.38
CA VAL A 114 7.27 10.23 6.78
C VAL A 114 8.34 10.65 7.85
N LYS A 115 9.11 11.69 7.53
CA LYS A 115 10.25 12.09 8.37
C LYS A 115 9.87 13.13 9.43
N LEU A 116 9.05 12.70 10.39
CA LEU A 116 8.52 13.52 11.51
C LEU A 116 8.64 12.67 12.76
N PRO A 117 8.76 13.30 13.95
CA PRO A 117 8.61 12.46 15.13
C PRO A 117 7.18 11.91 15.36
N ILE A 118 7.10 10.72 15.94
CA ILE A 118 5.85 10.06 16.16
C ILE A 118 5.68 9.99 17.64
N SER A 119 4.53 10.42 18.14
CA SER A 119 4.14 10.20 19.51
C SER A 119 3.21 9.01 19.51
N ILE A 120 3.18 8.28 20.62
CA ILE A 120 2.32 7.10 20.71
C ILE A 120 1.33 7.42 21.81
N ASP A 121 0.04 7.24 21.50
CA ASP A 121 -1.06 7.60 22.38
C ASP A 121 -1.52 6.35 23.14
N THR A 122 -0.87 6.03 24.27
CA THR A 122 -1.24 4.89 25.14
C THR A 122 -1.01 5.20 26.61
N TYR A 123 -1.69 4.51 27.51
CA TYR A 123 -1.37 4.58 28.96
C TYR A 123 -0.80 3.25 29.46
N LYS A 124 -0.77 2.27 28.56
CA LYS A 124 -0.27 0.92 28.85
C LYS A 124 1.24 0.85 28.65
N ALA A 125 1.98 0.37 29.65
CA ALA A 125 3.44 0.37 29.59
C ALA A 125 3.97 -0.54 28.50
N GLU A 126 3.37 -1.73 28.40
CA GLU A 126 3.72 -2.68 27.35
C GLU A 126 3.47 -2.15 25.94
N VAL A 127 2.36 -1.44 25.76
CA VAL A 127 2.07 -0.86 24.45
C VAL A 127 3.09 0.21 24.16
N ALA A 128 3.47 0.99 25.16
CA ALA A 128 4.47 2.02 24.95
C ALA A 128 5.85 1.42 24.62
N LYS A 129 6.26 0.37 25.36
CA LYS A 129 7.54 -0.28 25.09
C LYS A 129 7.62 -0.66 23.62
N GLN A 130 6.63 -1.41 23.14
CA GLN A 130 6.57 -1.88 21.73
C GLN A 130 6.63 -0.77 20.68
N ALA A 131 5.89 0.32 20.92
CA ALA A 131 5.81 1.44 20.00
C ALA A 131 7.16 2.13 19.71
N ILE A 132 7.95 2.36 20.76
CA ILE A 132 9.26 3.00 20.63
C ILE A 132 10.28 2.06 19.98
N GLU A 133 10.07 0.76 20.20
CA GLU A 133 10.82 -0.29 19.62
C GLU A 133 10.49 -0.34 18.16
N ALA A 134 9.25 0.03 17.83
CA ALA A 134 8.77 -0.02 16.47
C ALA A 134 9.15 1.24 15.74
N GLY A 135 9.66 2.25 16.47
CA GLY A 135 10.06 3.53 15.87
C GLY A 135 9.38 4.82 16.38
N ALA A 136 8.58 4.74 17.45
CA ALA A 136 7.91 5.96 18.01
C ALA A 136 8.81 6.77 18.94
N HIS A 137 8.66 8.10 18.94
CA HIS A 137 9.59 9.03 19.61
C HIS A 137 9.12 9.62 20.93
N ILE A 138 7.83 9.64 21.19
CA ILE A 138 7.29 10.39 22.30
C ILE A 138 6.16 9.56 22.87
N ILE A 139 6.02 9.57 24.20
CA ILE A 139 4.89 8.87 24.75
C ILE A 139 3.86 9.91 25.06
N ASN A 140 2.62 9.63 24.70
CA ASN A 140 1.53 10.50 24.97
C ASN A 140 0.55 9.79 25.91
N ASP A 141 0.64 10.08 27.21
CA ASP A 141 -0.11 9.33 28.22
C ASP A 141 -1.30 10.09 28.83
N ILE A 142 -2.52 9.66 28.55
CA ILE A 142 -3.71 10.37 28.98
C ILE A 142 -4.07 10.14 30.45
N TRP A 143 -3.34 9.20 31.07
CA TRP A 143 -3.52 9.02 32.50
C TRP A 143 -2.35 9.48 33.29
N GLY A 144 -1.38 10.11 32.62
CA GLY A 144 -0.31 10.76 33.30
C GLY A 144 0.38 9.87 34.30
N ALA A 145 0.71 8.66 33.84
CA ALA A 145 1.55 7.69 34.59
C ALA A 145 0.82 7.13 35.78
N LYS A 146 -0.46 7.43 35.89
CA LYS A 146 -1.26 6.95 37.00
C LYS A 146 -1.95 5.62 36.69
N ALA A 147 -2.45 5.48 35.45
CA ALA A 147 -3.02 4.25 34.95
C ALA A 147 -2.06 3.09 35.19
N GLU A 148 -0.86 3.22 34.65
CA GLU A 148 0.17 2.21 34.79
C GLU A 148 1.51 2.88 35.01
N PRO A 149 1.93 2.98 36.28
CA PRO A 149 3.12 3.72 36.64
C PRO A 149 4.36 3.26 35.87
N LYS A 150 4.42 1.96 35.56
CA LYS A 150 5.57 1.40 34.88
C LYS A 150 5.80 2.02 33.48
N ILE A 151 4.83 2.78 32.99
CA ILE A 151 5.04 3.47 31.73
C ILE A 151 6.18 4.46 31.88
N ALA A 152 6.25 5.15 33.01
CA ALA A 152 7.31 6.12 33.26
C ALA A 152 8.68 5.47 33.27
N GLU A 153 8.78 4.23 33.76
CA GLU A 153 10.02 3.42 33.58
C GLU A 153 10.38 3.15 32.11
N VAL A 154 9.36 2.92 31.30
CA VAL A 154 9.59 2.76 29.87
C VAL A 154 10.13 4.07 29.32
N ALA A 155 9.53 5.21 29.66
CA ALA A 155 10.09 6.50 29.21
C ALA A 155 11.52 6.70 29.72
N ALA A 156 11.73 6.44 31.02
CA ALA A 156 13.02 6.58 31.67
C ALA A 156 14.10 5.86 30.88
N HIS A 157 13.92 4.54 30.72
CA HIS A 157 14.84 3.71 29.94
C HIS A 157 15.11 4.12 28.49
N TYR A 158 14.08 4.22 27.64
CA TYR A 158 14.29 4.61 26.25
C TYR A 158 14.68 6.08 26.13
N ASP A 159 14.47 6.83 27.23
CA ASP A 159 14.89 8.24 27.34
C ASP A 159 14.11 9.12 26.36
N VAL A 160 12.80 8.87 26.26
CA VAL A 160 11.92 9.62 25.36
C VAL A 160 11.11 10.68 26.10
N PRO A 161 10.67 11.71 25.36
CA PRO A 161 9.81 12.66 26.03
C PRO A 161 8.48 11.99 26.37
N ILE A 162 7.81 12.38 27.47
CA ILE A 162 6.50 11.80 27.80
C ILE A 162 5.50 12.92 28.14
N ILE A 163 4.30 12.85 27.54
CA ILE A 163 3.28 13.85 27.83
C ILE A 163 2.41 13.34 28.96
N LEU A 164 2.35 14.09 30.04
CA LEU A 164 1.53 13.72 31.18
C LEU A 164 0.25 14.54 31.18
N MET A 165 -0.88 13.90 30.92
CA MET A 165 -2.13 14.63 30.81
C MET A 165 -2.90 14.66 32.13
N HIS A 166 -3.53 15.77 32.46
CA HIS A 166 -4.44 15.77 33.60
C HIS A 166 -5.69 14.90 33.33
N ASN A 167 -5.94 13.94 34.19
CA ASN A 167 -7.12 13.14 34.08
C ASN A 167 -7.42 12.66 35.49
N ARG A 168 -8.63 12.19 35.76
CA ARG A 168 -8.93 11.58 37.05
C ARG A 168 -10.20 10.79 36.91
N ASP A 169 -10.42 9.82 37.79
CA ASP A 169 -11.53 8.88 37.58
C ASP A 169 -12.82 9.35 38.22
N ASN A 170 -12.90 10.65 38.52
CA ASN A 170 -14.02 11.25 39.26
C ASN A 170 -14.06 12.73 38.92
N MET A 171 -15.02 13.48 39.46
CA MET A 171 -15.10 14.92 39.14
C MET A 171 -15.37 15.86 40.33
N ASN A 172 -14.91 15.42 41.50
CA ASN A 172 -15.12 16.13 42.74
C ASN A 172 -14.02 17.15 42.94
N TYR A 173 -14.12 18.31 42.30
CA TYR A 173 -13.14 19.35 42.49
C TYR A 173 -13.52 20.26 43.68
N ARG A 174 -12.63 20.34 44.66
CA ARG A 174 -12.62 21.43 45.62
C ARG A 174 -12.31 22.70 44.85
N ASN A 175 -11.15 22.77 44.21
CA ASN A 175 -10.81 23.95 43.39
C ASN A 175 -10.18 23.55 42.09
N LEU A 176 -10.95 23.73 41.01
CA LEU A 176 -10.57 23.18 39.72
C LEU A 176 -9.09 23.38 39.40
N MET A 177 -8.60 24.60 39.33
CA MET A 177 -7.19 24.79 38.90
C MET A 177 -6.14 24.35 39.90
N ALA A 178 -6.48 24.53 41.17
CA ALA A 178 -5.63 24.12 42.25
C ALA A 178 -5.45 22.61 42.25
N ASP A 179 -6.55 21.91 42.08
CA ASP A 179 -6.57 20.44 42.01
C ASP A 179 -5.90 19.94 40.76
N MET A 180 -6.18 20.57 39.62
CA MET A 180 -5.47 20.28 38.37
C MET A 180 -3.93 20.29 38.53
N ILE A 181 -3.39 21.42 39.01
CA ILE A 181 -1.97 21.62 39.29
C ILE A 181 -1.41 20.68 40.37
N ALA A 182 -2.17 20.43 41.43
CA ALA A 182 -1.87 19.31 42.36
C ALA A 182 -1.77 17.95 41.63
N ASP A 183 -2.78 17.60 40.82
CA ASP A 183 -2.83 16.26 40.21
C ASP A 183 -1.71 16.08 39.20
N LEU A 184 -1.38 17.16 38.49
CA LEU A 184 -0.31 17.09 37.49
C LEU A 184 0.99 16.88 38.23
N TYR A 185 1.17 17.58 39.34
CA TYR A 185 2.34 17.36 40.15
C TYR A 185 2.53 15.90 40.69
N ASP A 186 1.44 15.29 41.17
CA ASP A 186 1.48 13.85 41.43
C ASP A 186 1.94 13.04 40.21
N SER A 187 1.67 13.50 38.98
CA SER A 187 2.22 12.81 37.80
C SER A 187 3.72 13.00 37.66
N ILE A 188 4.18 14.24 37.86
CA ILE A 188 5.60 14.55 37.74
C ILE A 188 6.43 13.80 38.76
N LYS A 189 5.92 13.64 39.97
CA LYS A 189 6.57 12.84 41.02
C LYS A 189 6.77 11.39 40.60
N ILE A 190 5.74 10.76 40.02
CA ILE A 190 5.86 9.40 39.52
C ILE A 190 6.88 9.35 38.37
N ALA A 191 6.76 10.27 37.42
CA ALA A 191 7.72 10.31 36.29
C ALA A 191 9.17 10.42 36.83
N LYS A 192 9.42 11.41 37.70
CA LYS A 192 10.77 11.65 38.20
C LYS A 192 11.34 10.55 39.09
N ASP A 193 10.47 9.98 39.91
CA ASP A 193 10.84 8.85 40.73
C ASP A 193 11.09 7.61 39.91
N ALA A 194 10.68 7.61 38.65
CA ALA A 194 10.95 6.49 37.76
C ALA A 194 12.25 6.65 36.97
N GLY A 195 12.96 7.77 37.13
CA GLY A 195 14.13 8.10 36.32
C GLY A 195 13.94 9.18 35.24
N VAL A 196 12.71 9.65 34.99
CA VAL A 196 12.49 10.65 33.91
C VAL A 196 13.19 12.03 34.17
N ARG A 197 14.06 12.46 33.24
CA ARG A 197 14.66 13.81 33.28
C ARG A 197 13.61 14.91 33.01
N ASP A 198 13.64 15.97 33.83
CA ASP A 198 12.83 17.16 33.65
C ASP A 198 12.65 17.55 32.19
N GLU A 199 13.74 17.53 31.41
CA GLU A 199 13.71 17.88 29.97
C GLU A 199 12.95 16.93 29.07
N ASN A 200 12.59 15.76 29.56
CA ASN A 200 11.68 14.92 28.81
C ASN A 200 10.24 14.98 29.32
N ILE A 201 9.82 16.08 30.00
CA ILE A 201 8.46 16.14 30.60
C ILE A 201 7.67 17.26 29.93
N ILE A 202 6.55 16.90 29.36
CA ILE A 202 5.66 17.88 28.74
C ILE A 202 4.35 17.71 29.48
N LEU A 203 3.66 18.79 29.82
CA LEU A 203 2.41 18.66 30.53
C LEU A 203 1.21 18.97 29.65
N ASP A 204 0.03 18.55 30.07
CA ASP A 204 -1.16 18.76 29.26
C ASP A 204 -2.37 18.88 30.22
N PRO A 205 -3.14 19.95 30.10
CA PRO A 205 -4.25 20.18 31.03
C PRO A 205 -5.46 19.19 30.89
N GLY A 206 -5.46 18.28 29.90
CA GLY A 206 -6.55 17.34 29.73
C GLY A 206 -7.95 17.95 29.62
N ILE A 207 -8.09 18.92 28.71
CA ILE A 207 -9.36 19.51 28.32
C ILE A 207 -10.29 18.41 27.78
N GLY A 208 -11.51 18.30 28.32
CA GLY A 208 -12.40 17.27 27.87
C GLY A 208 -12.22 15.94 28.56
N PHE A 209 -11.38 15.88 29.59
CA PHE A 209 -11.30 14.73 30.51
C PHE A 209 -11.59 15.09 31.95
N ALA A 210 -12.59 14.43 32.54
CA ALA A 210 -12.95 14.59 33.95
C ALA A 210 -13.28 16.04 34.35
N LYS A 211 -13.92 16.74 33.42
CA LYS A 211 -14.23 18.14 33.55
C LYS A 211 -15.59 18.36 32.87
N THR A 212 -16.52 19.01 33.59
CA THR A 212 -17.84 19.41 33.02
C THR A 212 -17.58 20.38 31.88
N PRO A 213 -18.59 20.75 31.08
CA PRO A 213 -18.21 21.73 30.04
C PRO A 213 -17.84 23.07 30.63
N GLU A 214 -18.45 23.45 31.75
CA GLU A 214 -18.07 24.72 32.39
C GLU A 214 -16.65 24.65 33.00
N GLN A 215 -16.27 23.55 33.64
CA GLN A 215 -14.84 23.37 34.02
C GLN A 215 -13.86 23.41 32.89
N ASN A 216 -14.22 22.89 31.71
CA ASN A 216 -13.37 23.03 30.49
C ASN A 216 -13.10 24.47 30.05
N LEU A 217 -14.11 25.31 30.12
CA LEU A 217 -13.98 26.71 29.79
C LEU A 217 -13.20 27.44 30.85
N GLU A 218 -13.42 27.08 32.12
CA GLU A 218 -12.60 27.60 33.22
C GLU A 218 -11.07 27.21 33.13
N ALA A 219 -10.74 25.98 32.76
CA ALA A 219 -9.33 25.59 32.47
C ALA A 219 -8.76 26.35 31.30
N MET A 220 -9.50 26.54 30.22
CA MET A 220 -9.03 27.45 29.12
C MET A 220 -8.73 28.87 29.59
N ARG A 221 -9.62 29.44 30.41
CA ARG A 221 -9.49 30.80 30.89
C ARG A 221 -8.29 30.97 31.85
N ASN A 222 -7.77 29.87 32.43
CA ASN A 222 -6.72 29.94 33.47
C ASN A 222 -5.51 29.09 33.13
N LEU A 223 -5.37 28.79 31.85
CA LEU A 223 -4.28 27.96 31.34
C LEU A 223 -2.85 28.42 31.68
N GLU A 224 -2.65 29.74 31.68
CA GLU A 224 -1.35 30.31 32.06
C GLU A 224 -0.81 29.82 33.44
N GLN A 225 -1.68 29.45 34.37
CA GLN A 225 -1.24 28.89 35.67
C GLN A 225 -0.34 27.63 35.54
N LEU A 226 -0.49 26.85 34.46
CA LEU A 226 0.30 25.61 34.33
C LEU A 226 1.77 25.93 34.15
N ASN A 227 2.04 27.12 33.62
CA ASN A 227 3.39 27.62 33.45
C ASN A 227 4.18 27.69 34.72
N VAL A 228 3.55 27.94 35.87
CA VAL A 228 4.34 27.94 37.11
C VAL A 228 5.06 26.60 37.34
N LEU A 229 4.57 25.51 36.75
CA LEU A 229 5.22 24.22 36.99
C LEU A 229 6.59 24.05 36.32
N GLY A 230 6.92 24.85 35.31
CA GLY A 230 8.23 24.87 34.68
C GLY A 230 8.42 24.02 33.44
N TYR A 231 7.31 23.48 32.93
CA TYR A 231 7.38 22.51 31.83
C TYR A 231 6.62 23.01 30.59
N PRO A 232 7.08 22.60 29.39
CA PRO A 232 6.32 22.87 28.19
C PRO A 232 4.86 22.36 28.31
N VAL A 233 3.94 23.08 27.70
CA VAL A 233 2.53 22.67 27.75
C VAL A 233 1.98 22.31 26.33
N LEU A 234 1.32 21.15 26.23
CA LEU A 234 0.58 20.75 25.02
C LEU A 234 -0.92 20.94 25.28
N LEU A 235 -1.63 21.56 24.35
CA LEU A 235 -3.08 21.67 24.49
C LEU A 235 -3.77 20.78 23.48
N GLY A 236 -4.75 20.00 23.92
CA GLY A 236 -5.55 19.23 22.98
C GLY A 236 -7.04 19.55 23.08
N THR A 237 -7.56 20.32 22.16
CA THR A 237 -8.96 20.80 22.27
C THR A 237 -9.80 20.45 21.02
N SER A 238 -9.12 19.93 20.00
CA SER A 238 -9.69 19.65 18.68
C SER A 238 -11.07 18.96 18.68
N ARG A 239 -12.07 19.72 18.24
CA ARG A 239 -13.37 19.15 17.93
C ARG A 239 -14.21 18.68 19.15
N LYS A 240 -13.80 19.01 20.39
CA LYS A 240 -14.30 18.33 21.59
C LYS A 240 -15.71 18.80 21.92
N SER A 241 -16.51 17.98 22.60
CA SER A 241 -17.86 18.46 22.87
C SER A 241 -18.05 19.81 23.58
N PHE A 242 -17.12 20.30 24.39
CA PHE A 242 -17.35 21.62 25.03
C PHE A 242 -17.41 22.80 24.02
N ILE A 243 -16.74 22.63 22.89
CA ILE A 243 -16.90 23.51 21.74
C ILE A 243 -18.31 23.45 21.18
N GLY A 244 -18.89 22.26 21.11
CA GLY A 244 -20.26 22.08 20.60
C GLY A 244 -21.26 22.49 21.66
N HIS A 245 -20.87 22.39 22.93
CA HIS A 245 -21.72 22.90 24.00
C HIS A 245 -21.89 24.41 23.88
N VAL A 246 -20.83 25.15 23.56
CA VAL A 246 -20.91 26.60 23.38
C VAL A 246 -21.58 26.93 22.05
N LEU A 247 -21.04 26.38 20.97
CA LEU A 247 -21.46 26.78 19.62
C LEU A 247 -22.78 26.17 19.20
N ASP A 248 -23.13 25.09 19.88
CA ASP A 248 -24.22 24.21 19.47
C ASP A 248 -24.12 23.72 18.01
N LEU A 249 -23.04 22.99 17.76
CA LEU A 249 -22.65 22.57 16.42
C LEU A 249 -22.07 21.13 16.47
N PRO A 250 -22.49 20.26 15.52
CA PRO A 250 -21.90 18.92 15.38
C PRO A 250 -20.38 18.96 15.23
N VAL A 251 -19.74 17.81 15.47
CA VAL A 251 -18.30 17.61 15.42
C VAL A 251 -17.62 18.02 14.12
N GLU A 252 -18.33 17.90 12.99
CA GLU A 252 -17.75 18.31 11.70
C GLU A 252 -17.89 19.81 11.47
N GLU A 253 -18.58 20.49 12.39
CA GLU A 253 -18.75 21.94 12.34
C GLU A 253 -17.96 22.67 13.42
N ARG A 254 -16.77 22.17 13.76
CA ARG A 254 -16.07 22.73 14.91
C ARG A 254 -14.76 23.48 14.65
N LEU A 255 -14.48 23.75 13.38
CA LEU A 255 -13.22 24.37 12.93
C LEU A 255 -12.88 25.75 13.54
N GLU A 256 -13.85 26.67 13.50
CA GLU A 256 -13.77 28.02 14.05
C GLU A 256 -13.63 28.00 15.57
N GLY A 257 -14.42 27.18 16.24
CA GLY A 257 -14.30 27.01 17.69
C GLY A 257 -13.02 26.39 18.19
N THR A 258 -12.49 25.41 17.46
CA THR A 258 -11.14 24.86 17.70
C THR A 258 -10.08 25.95 17.48
N GLY A 259 -10.24 26.70 16.39
CA GLY A 259 -9.38 27.87 16.14
C GLY A 259 -9.28 28.77 17.35
N ALA A 260 -10.43 29.15 17.92
CA ALA A 260 -10.48 30.04 19.10
C ALA A 260 -9.72 29.45 20.28
N THR A 261 -9.92 28.15 20.56
CA THR A 261 -9.13 27.48 21.65
C THR A 261 -7.60 27.43 21.45
N VAL A 262 -7.16 27.10 20.24
CA VAL A 262 -5.74 27.10 19.78
C VAL A 262 -5.17 28.49 19.97
N CYS A 263 -5.85 29.53 19.52
CA CYS A 263 -5.40 30.90 19.76
C CYS A 263 -5.25 31.34 21.20
N LEU A 264 -6.31 31.20 22.00
CA LEU A 264 -6.21 31.49 23.42
C LEU A 264 -5.09 30.63 24.06
N GLY A 265 -5.10 29.33 23.81
CA GLY A 265 -3.91 28.47 24.07
C GLY A 265 -2.53 29.03 23.82
N ILE A 266 -2.25 29.47 22.61
CA ILE A 266 -0.94 30.05 22.27
C ILE A 266 -0.75 31.38 22.97
N GLU A 267 -1.77 32.18 23.12
CA GLU A 267 -1.60 33.40 23.84
C GLU A 267 -1.31 33.13 25.32
N LYS A 268 -1.89 32.07 25.85
CA LYS A 268 -1.67 31.75 27.23
C LYS A 268 -0.38 31.02 27.50
N GLY A 269 0.44 30.71 26.48
CA GLY A 269 1.80 30.17 26.66
C GLY A 269 2.09 28.75 26.20
N CYS A 270 1.18 28.10 25.52
CA CYS A 270 1.39 26.69 25.32
C CYS A 270 2.34 26.43 24.13
N GLU A 271 3.11 25.34 24.20
CA GLU A 271 4.22 25.11 23.29
C GLU A 271 3.81 24.24 22.09
N PHE A 272 2.86 23.34 22.27
CA PHE A 272 2.33 22.47 21.24
C PHE A 272 0.79 22.59 21.22
N VAL A 273 0.17 22.34 20.07
CA VAL A 273 -1.27 22.09 20.04
C VAL A 273 -1.56 20.80 19.29
N ARG A 274 -2.51 20.00 19.77
CA ARG A 274 -2.90 18.72 19.20
C ARG A 274 -4.22 18.83 18.43
N VAL A 275 -4.12 18.79 17.10
CA VAL A 275 -5.23 19.07 16.19
C VAL A 275 -5.46 18.07 15.03
N HIS A 276 -6.73 17.92 14.62
CA HIS A 276 -7.12 17.15 13.45
C HIS A 276 -6.95 17.98 12.20
N ASP A 277 -7.32 19.25 12.24
CA ASP A 277 -7.27 20.11 11.07
C ASP A 277 -5.92 20.81 10.94
N VAL A 278 -4.88 20.06 10.54
CA VAL A 278 -3.53 20.59 10.44
C VAL A 278 -3.37 21.83 9.53
N LYS A 279 -3.88 21.83 8.30
CA LYS A 279 -3.78 23.03 7.42
C LYS A 279 -4.26 24.31 8.13
N GLU A 280 -5.51 24.34 8.57
CA GLU A 280 -6.08 25.53 9.16
C GLU A 280 -5.35 26.01 10.43
N MET A 281 -5.02 25.06 11.30
CA MET A 281 -4.47 25.38 12.63
C MET A 281 -3.01 25.73 12.55
N SER A 282 -2.33 25.25 11.51
CA SER A 282 -0.96 25.69 11.27
C SER A 282 -0.95 27.14 10.89
N ARG A 283 -1.97 27.58 10.14
CA ARG A 283 -2.04 28.98 9.76
C ARG A 283 -2.42 29.89 10.92
N MET A 284 -3.36 29.46 11.75
CA MET A 284 -3.70 30.20 12.90
C MET A 284 -2.53 30.29 13.84
N ALA A 285 -1.95 29.14 14.19
CA ALA A 285 -0.73 29.11 15.02
C ALA A 285 0.33 30.10 14.56
N LYS A 286 0.61 30.11 13.26
CA LYS A 286 1.61 30.96 12.67
C LYS A 286 1.30 32.45 12.78
N MET A 287 0.05 32.84 12.56
CA MET A 287 -0.35 34.22 12.73
C MET A 287 -0.22 34.62 14.19
N MET A 288 -0.68 33.77 15.12
CA MET A 288 -0.59 34.06 16.56
C MET A 288 0.87 34.29 16.97
N ASP A 289 1.74 33.38 16.55
CA ASP A 289 3.22 33.50 16.75
C ASP A 289 3.75 34.86 16.28
N ALA A 290 3.43 35.27 15.05
CA ALA A 290 3.94 36.56 14.59
C ALA A 290 3.55 37.69 15.56
N MET A 291 2.29 37.67 15.97
CA MET A 291 1.71 38.68 16.84
C MET A 291 2.27 38.64 18.24
N ILE A 292 2.11 37.55 18.97
CA ILE A 292 2.63 37.47 20.35
C ILE A 292 4.17 37.66 20.42
N GLY A 293 4.84 37.56 19.28
CA GLY A 293 6.29 37.77 19.17
C GLY A 293 7.07 36.51 19.50
N LYS A 294 6.56 35.35 19.14
CA LYS A 294 7.28 34.10 19.29
C LYS A 294 7.80 33.78 17.90
N SER B 4 -18.03 -7.06 -46.24
CA SER B 4 -17.87 -7.90 -45.00
C SER B 4 -18.55 -9.30 -45.08
N HIS B 5 -18.13 -10.20 -44.19
CA HIS B 5 -18.65 -11.58 -44.16
C HIS B 5 -19.63 -11.93 -42.97
N HIS B 6 -19.68 -13.25 -42.69
CA HIS B 6 -20.74 -13.92 -41.91
C HIS B 6 -21.19 -13.14 -40.68
N HIS B 7 -22.51 -13.10 -40.44
CA HIS B 7 -23.08 -12.30 -39.35
C HIS B 7 -22.81 -12.82 -37.91
N HIS B 8 -22.52 -14.13 -37.76
CA HIS B 8 -22.13 -14.72 -36.45
C HIS B 8 -20.74 -14.26 -35.95
N HIS B 9 -19.81 -14.04 -36.89
CA HIS B 9 -18.42 -13.62 -36.58
C HIS B 9 -18.25 -12.10 -36.68
N HIS B 10 -17.63 -11.48 -35.66
CA HIS B 10 -17.39 -10.02 -35.67
C HIS B 10 -16.03 -9.59 -36.22
N SER B 11 -15.16 -10.56 -36.45
CA SER B 11 -13.87 -10.35 -37.13
C SER B 11 -13.47 -11.63 -37.88
N SER B 12 -12.39 -11.51 -38.65
CA SER B 12 -11.69 -12.69 -39.16
C SER B 12 -10.18 -12.52 -38.94
N GLY B 13 -9.77 -12.66 -37.68
CA GLY B 13 -8.42 -12.33 -37.20
C GLY B 13 -7.45 -11.50 -38.02
N LEU B 14 -6.40 -12.15 -38.53
CA LEU B 14 -5.26 -11.51 -39.19
C LEU B 14 -5.48 -11.38 -40.71
N VAL B 15 -5.45 -10.15 -41.22
CA VAL B 15 -5.92 -9.78 -42.58
C VAL B 15 -4.91 -8.90 -43.36
N PRO B 16 -4.66 -9.24 -44.65
CA PRO B 16 -3.82 -8.48 -45.64
C PRO B 16 -4.01 -6.93 -45.82
N ARG B 17 -2.95 -6.24 -46.26
CA ARG B 17 -3.01 -4.83 -46.69
C ARG B 17 -2.15 -4.50 -47.95
N MET B 21 0.60 -6.77 -43.03
CA MET B 21 -0.63 -7.44 -42.52
C MET B 21 -1.07 -7.06 -41.09
N LYS B 22 -2.32 -7.37 -40.76
CA LYS B 22 -3.03 -6.69 -39.68
C LYS B 22 -4.05 -7.62 -39.03
N TRP B 23 -4.09 -7.58 -37.70
CA TRP B 23 -5.26 -8.02 -36.99
C TRP B 23 -6.40 -7.07 -37.28
N ASP B 24 -7.62 -7.60 -37.43
CA ASP B 24 -8.76 -6.75 -37.73
C ASP B 24 -9.66 -6.47 -36.50
N TYR B 25 -9.12 -6.73 -35.31
CA TYR B 25 -9.71 -6.41 -34.03
C TYR B 25 -8.63 -6.03 -33.00
N ASP B 26 -9.01 -5.28 -31.96
CA ASP B 26 -8.15 -5.02 -30.80
C ASP B 26 -8.56 -5.98 -29.70
N LEU B 27 -7.71 -6.11 -28.71
CA LEU B 27 -8.04 -6.90 -27.56
C LEU B 27 -8.78 -5.97 -26.58
N ARG B 28 -10.01 -6.35 -26.27
CA ARG B 28 -10.83 -5.55 -25.42
C ARG B 28 -10.70 -6.06 -24.00
N CYS B 29 -10.18 -5.19 -23.12
CA CYS B 29 -9.85 -5.48 -21.72
C CYS B 29 -10.60 -4.53 -20.78
N GLY B 30 -11.93 -4.54 -20.88
CA GLY B 30 -12.77 -3.65 -20.09
C GLY B 30 -12.52 -2.17 -20.40
N GLU B 31 -12.06 -1.44 -19.43
CA GLU B 31 -11.66 -0.05 -19.63
C GLU B 31 -10.37 0.10 -20.49
N TYR B 32 -9.61 -0.97 -20.75
CA TYR B 32 -8.40 -0.79 -21.58
C TYR B 32 -8.59 -1.44 -22.94
N THR B 33 -7.85 -0.98 -23.94
CA THR B 33 -7.93 -1.64 -25.25
C THR B 33 -6.50 -1.90 -25.67
N LEU B 34 -6.20 -3.12 -26.06
CA LEU B 34 -4.86 -3.45 -26.51
C LEU B 34 -4.84 -3.64 -28.03
N ASN B 35 -4.09 -2.78 -28.71
CA ASN B 35 -3.95 -2.82 -30.14
C ASN B 35 -2.80 -3.74 -30.54
N LEU B 36 -3.09 -4.70 -31.42
CA LEU B 36 -2.16 -5.80 -31.71
C LEU B 36 -1.33 -5.50 -32.92
N ASN B 37 -1.49 -4.34 -33.54
CA ASN B 37 -0.74 -4.07 -34.77
C ASN B 37 0.40 -3.06 -34.60
N GLU B 38 0.28 -2.13 -33.66
CA GLU B 38 1.25 -1.03 -33.54
C GLU B 38 2.55 -1.47 -32.94
N LYS B 39 2.52 -2.42 -32.01
CA LYS B 39 3.74 -2.73 -31.30
C LYS B 39 3.64 -4.05 -30.59
N THR B 40 4.76 -4.61 -30.24
CA THR B 40 4.79 -5.76 -29.33
C THR B 40 4.36 -5.28 -27.90
N LEU B 41 3.43 -6.02 -27.29
CA LEU B 41 2.95 -5.71 -25.95
C LEU B 41 3.76 -6.41 -24.88
N ILE B 42 4.18 -5.64 -23.88
CA ILE B 42 5.04 -6.14 -22.85
C ILE B 42 4.20 -6.53 -21.67
N MET B 43 4.26 -7.81 -21.29
CA MET B 43 3.63 -8.26 -20.04
C MET B 43 4.62 -8.39 -18.91
N GLY B 44 4.55 -7.48 -17.94
CA GLY B 44 5.54 -7.46 -16.88
C GLY B 44 5.17 -8.43 -15.80
N ILE B 45 6.14 -9.22 -15.35
CA ILE B 45 5.93 -10.19 -14.28
C ILE B 45 6.06 -9.51 -12.90
N LEU B 46 4.90 -9.38 -12.21
CA LEU B 46 4.85 -8.89 -10.83
C LEU B 46 5.52 -9.82 -9.81
N ASN B 47 6.37 -9.20 -8.99
CA ASN B 47 7.06 -9.80 -7.86
C ASN B 47 6.06 -10.24 -6.83
N VAL B 48 5.86 -11.55 -6.73
CA VAL B 48 5.03 -12.03 -5.64
C VAL B 48 5.98 -12.82 -4.71
N THR B 49 6.08 -12.39 -3.44
CA THR B 49 7.03 -12.97 -2.49
C THR B 49 6.33 -13.35 -1.17
N GLY B 56 -1.28 -13.15 3.51
CA GLY B 56 -1.85 -12.42 2.37
C GLY B 56 -2.54 -11.19 2.92
N GLY B 57 -2.60 -10.13 2.12
CA GLY B 57 -3.22 -8.86 2.55
C GLY B 57 -2.36 -7.88 3.34
N SER B 58 -1.26 -8.36 3.98
CA SER B 58 -0.43 -7.50 4.85
C SER B 58 0.14 -6.33 4.05
N TYR B 59 0.57 -5.29 4.77
CA TYR B 59 1.00 -4.05 4.12
C TYR B 59 2.28 -4.21 3.30
N ASN B 60 3.29 -4.85 3.88
CA ASN B 60 4.60 -4.91 3.19
C ASN B 60 4.54 -5.62 1.86
N GLU B 61 3.83 -6.73 1.78
CA GLU B 61 3.75 -7.39 0.49
C GLU B 61 2.88 -6.67 -0.56
N VAL B 62 1.74 -6.11 -0.17
CA VAL B 62 0.88 -5.45 -1.16
C VAL B 62 1.47 -4.10 -1.57
N ASP B 63 2.13 -3.46 -0.59
CA ASP B 63 2.83 -2.18 -0.86
C ASP B 63 4.08 -2.40 -1.74
N ALA B 64 4.76 -3.55 -1.57
CA ALA B 64 5.93 -3.90 -2.40
C ALA B 64 5.50 -4.20 -3.83
N ALA B 65 4.37 -4.88 -3.94
CA ALA B 65 3.73 -5.18 -5.24
C ALA B 65 3.33 -3.94 -6.00
N VAL B 66 2.61 -3.02 -5.35
CA VAL B 66 2.19 -1.75 -5.96
C VAL B 66 3.41 -0.96 -6.48
N ARG B 67 4.49 -0.87 -5.69
CA ARG B 67 5.66 -0.07 -6.08
C ARG B 67 6.29 -0.68 -7.30
N HIS B 68 6.28 -2.02 -7.36
CA HIS B 68 6.86 -2.74 -8.43
C HIS B 68 6.03 -2.65 -9.71
N ALA B 69 4.72 -2.85 -9.60
CA ALA B 69 3.78 -2.56 -10.69
C ALA B 69 3.98 -1.15 -11.25
N LYS B 70 4.12 -0.18 -10.35
CA LYS B 70 4.32 1.22 -10.72
C LYS B 70 5.61 1.40 -11.51
N GLU B 71 6.65 0.67 -11.13
CA GLU B 71 7.93 0.84 -11.80
C GLU B 71 7.95 0.09 -13.15
N MET B 72 7.25 -1.03 -13.27
CA MET B 72 7.08 -1.66 -14.56
C MET B 72 6.21 -0.81 -15.49
N ARG B 73 5.12 -0.23 -14.98
CA ARG B 73 4.40 0.79 -15.74
C ARG B 73 5.37 1.86 -16.25
N ASP B 74 6.09 2.49 -15.35
CA ASP B 74 7.08 3.46 -15.75
C ASP B 74 8.16 3.01 -16.74
N GLU B 75 8.41 1.70 -16.84
CA GLU B 75 9.47 1.15 -17.67
C GLU B 75 9.01 0.72 -19.12
N GLY B 76 7.72 0.45 -19.26
CA GLY B 76 7.06 0.37 -20.57
C GLY B 76 6.17 -0.83 -20.74
N ALA B 77 5.67 -1.32 -19.61
CA ALA B 77 4.84 -2.51 -19.57
C ALA B 77 3.43 -2.12 -19.90
N HIS B 78 2.75 -2.99 -20.65
CA HIS B 78 1.35 -2.78 -21.12
C HIS B 78 0.34 -3.63 -20.35
N ILE B 79 0.80 -4.75 -19.77
CA ILE B 79 0.01 -5.57 -18.86
C ILE B 79 0.85 -5.95 -17.63
N ILE B 80 0.20 -6.11 -16.48
CA ILE B 80 0.82 -6.58 -15.24
C ILE B 80 0.29 -8.00 -14.97
N ASP B 81 1.19 -8.99 -14.88
CA ASP B 81 0.78 -10.36 -14.64
C ASP B 81 0.92 -10.64 -13.16
N ILE B 82 -0.16 -11.02 -12.49
CA ILE B 82 -0.08 -11.30 -11.07
C ILE B 82 -0.22 -12.82 -10.80
N GLY B 83 0.86 -13.42 -10.30
CA GLY B 83 0.96 -14.87 -10.29
C GLY B 83 0.69 -15.47 -8.95
N GLY B 84 -0.29 -16.37 -8.89
CA GLY B 84 -0.57 -17.08 -7.62
C GLY B 84 0.55 -17.97 -7.05
N GLU B 85 1.13 -18.82 -7.91
CA GLU B 85 2.05 -19.94 -7.55
C GLU B 85 3.53 -19.59 -7.27
N VAL B 94 -0.81 -25.74 -0.79
CA VAL B 94 -1.61 -24.57 -0.45
C VAL B 94 -2.87 -24.49 -1.33
N SER B 95 -4.01 -24.31 -0.68
CA SER B 95 -5.33 -24.49 -1.29
C SER B 95 -5.79 -23.32 -2.15
N VAL B 96 -6.94 -23.50 -2.79
CA VAL B 96 -7.70 -22.44 -3.47
C VAL B 96 -7.99 -21.22 -2.56
N GLU B 97 -8.22 -21.48 -1.26
CA GLU B 97 -8.51 -20.41 -0.28
C GLU B 97 -7.31 -19.52 -0.01
N GLU B 98 -6.17 -20.11 0.37
CA GLU B 98 -4.92 -19.37 0.55
C GLU B 98 -4.42 -18.60 -0.68
N GLU B 99 -4.57 -19.18 -1.89
CA GLU B 99 -4.17 -18.47 -3.12
C GLU B 99 -5.07 -17.24 -3.41
N ILE B 100 -6.39 -17.36 -3.22
CA ILE B 100 -7.29 -16.22 -3.41
C ILE B 100 -6.90 -15.11 -2.42
N LYS B 101 -6.67 -15.53 -1.17
CA LYS B 101 -6.24 -14.69 -0.06
C LYS B 101 -5.02 -13.83 -0.36
N ARG B 102 -4.01 -14.40 -1.02
CA ARG B 102 -2.79 -13.69 -1.36
C ARG B 102 -2.99 -12.81 -2.58
N VAL B 103 -3.77 -13.29 -3.55
CA VAL B 103 -3.72 -12.66 -4.85
C VAL B 103 -4.73 -11.52 -5.00
N VAL B 104 -5.85 -11.63 -4.29
CA VAL B 104 -6.97 -10.69 -4.45
C VAL B 104 -6.67 -9.29 -3.88
N PRO B 105 -6.05 -9.18 -2.68
CA PRO B 105 -5.54 -7.90 -2.17
C PRO B 105 -4.58 -7.20 -3.13
N MET B 106 -3.75 -7.97 -3.79
CA MET B 106 -2.83 -7.45 -4.78
C MET B 106 -3.44 -6.93 -6.09
N ILE B 107 -4.40 -7.68 -6.67
CA ILE B 107 -5.20 -7.18 -7.78
C ILE B 107 -6.01 -5.91 -7.45
N GLN B 108 -6.69 -5.91 -6.29
CA GLN B 108 -7.47 -4.77 -5.82
C GLN B 108 -6.66 -3.50 -5.65
N ALA B 109 -5.46 -3.62 -5.08
CA ALA B 109 -4.55 -2.49 -4.89
C ALA B 109 -3.87 -2.09 -6.20
N VAL B 110 -3.44 -3.07 -7.01
CA VAL B 110 -2.75 -2.77 -8.26
C VAL B 110 -3.68 -2.08 -9.29
N SER B 111 -4.90 -2.60 -9.47
CA SER B 111 -5.85 -1.99 -10.39
C SER B 111 -6.24 -0.58 -9.97
N LYS B 112 -6.42 -0.36 -8.67
CA LYS B 112 -6.71 0.96 -8.16
C LYS B 112 -5.58 1.95 -8.36
N GLU B 113 -4.34 1.50 -8.29
CA GLU B 113 -3.23 2.45 -8.10
C GLU B 113 -2.35 2.58 -9.31
N VAL B 114 -2.49 1.64 -10.25
CA VAL B 114 -1.75 1.56 -11.53
C VAL B 114 -2.74 1.30 -12.70
N LYS B 115 -2.77 2.24 -13.65
CA LYS B 115 -3.76 2.16 -14.73
C LYS B 115 -3.20 1.43 -15.93
N LEU B 116 -3.47 0.12 -15.98
CA LEU B 116 -2.97 -0.86 -16.97
C LEU B 116 -3.78 -2.12 -16.75
N PRO B 117 -4.00 -2.91 -17.80
CA PRO B 117 -4.57 -4.26 -17.61
C PRO B 117 -3.71 -5.21 -16.78
N ILE B 118 -4.38 -6.07 -16.01
CA ILE B 118 -3.81 -7.07 -15.14
C ILE B 118 -4.29 -8.41 -15.62
N SER B 119 -3.39 -9.38 -15.70
CA SER B 119 -3.82 -10.75 -15.91
C SER B 119 -3.63 -11.49 -14.63
N ILE B 120 -4.62 -12.27 -14.26
CA ILE B 120 -4.48 -13.23 -13.20
C ILE B 120 -3.88 -14.50 -13.74
N ASP B 121 -2.68 -14.81 -13.26
CA ASP B 121 -1.93 -16.00 -13.69
C ASP B 121 -2.36 -17.18 -12.86
N THR B 122 -3.48 -17.81 -13.25
CA THR B 122 -4.00 -19.01 -12.56
C THR B 122 -4.46 -20.09 -13.55
N TYR B 123 -4.61 -21.33 -13.07
CA TYR B 123 -5.32 -22.37 -13.85
C TYR B 123 -6.62 -22.82 -13.19
N LYS B 124 -6.85 -22.32 -11.98
CA LYS B 124 -7.98 -22.74 -11.17
C LYS B 124 -9.16 -21.86 -11.52
N ALA B 125 -10.33 -22.47 -11.69
CA ALA B 125 -11.56 -21.74 -12.00
C ALA B 125 -11.93 -20.72 -10.92
N GLU B 126 -11.83 -21.15 -9.67
CA GLU B 126 -12.32 -20.37 -8.54
C GLU B 126 -11.42 -19.15 -8.28
N VAL B 127 -10.11 -19.34 -8.48
CA VAL B 127 -9.15 -18.27 -8.31
C VAL B 127 -9.37 -17.17 -9.34
N ALA B 128 -9.58 -17.58 -10.59
CA ALA B 128 -9.84 -16.68 -11.70
C ALA B 128 -11.13 -15.86 -11.56
N LYS B 129 -12.21 -16.49 -11.07
CA LYS B 129 -13.48 -15.79 -10.86
C LYS B 129 -13.29 -14.62 -9.90
N GLN B 130 -12.72 -14.91 -8.72
CA GLN B 130 -12.50 -13.92 -7.64
C GLN B 130 -11.60 -12.81 -8.12
N ALA B 131 -10.53 -13.23 -8.80
CA ALA B 131 -9.53 -12.37 -9.37
C ALA B 131 -10.12 -11.38 -10.37
N ILE B 132 -11.10 -11.82 -11.15
CA ILE B 132 -11.83 -10.94 -12.07
C ILE B 132 -12.78 -10.01 -11.27
N GLU B 133 -13.48 -10.55 -10.27
CA GLU B 133 -14.31 -9.71 -9.39
C GLU B 133 -13.44 -8.67 -8.68
N ALA B 134 -12.22 -9.08 -8.31
CA ALA B 134 -11.30 -8.22 -7.60
C ALA B 134 -10.62 -7.20 -8.51
N GLY B 135 -10.73 -7.38 -9.82
CA GLY B 135 -10.34 -6.32 -10.76
C GLY B 135 -9.44 -6.64 -11.93
N ALA B 136 -9.09 -7.93 -12.10
CA ALA B 136 -8.23 -8.41 -13.19
C ALA B 136 -8.96 -8.45 -14.52
N HIS B 137 -8.19 -8.40 -15.61
CA HIS B 137 -8.73 -8.21 -16.95
C HIS B 137 -8.59 -9.42 -17.90
N ILE B 138 -7.46 -10.13 -17.78
CA ILE B 138 -7.06 -11.23 -18.65
C ILE B 138 -6.87 -12.45 -17.74
N ILE B 139 -7.25 -13.64 -18.19
CA ILE B 139 -6.86 -14.88 -17.50
C ILE B 139 -5.64 -15.49 -18.18
N ASN B 140 -4.64 -15.86 -17.40
CA ASN B 140 -3.40 -16.43 -17.94
C ASN B 140 -3.18 -17.85 -17.45
N ASP B 141 -3.54 -18.81 -18.30
CA ASP B 141 -3.69 -20.21 -17.86
C ASP B 141 -2.62 -21.10 -18.42
N ILE B 142 -1.71 -21.52 -17.53
CA ILE B 142 -0.56 -22.36 -17.89
C ILE B 142 -0.91 -23.79 -18.24
N TRP B 143 -2.19 -24.16 -18.06
CA TRP B 143 -2.67 -25.48 -18.41
C TRP B 143 -3.67 -25.41 -19.53
N GLY B 144 -4.16 -24.20 -19.81
CA GLY B 144 -4.93 -23.91 -21.03
C GLY B 144 -6.29 -24.57 -21.03
N ALA B 145 -7.01 -24.42 -19.91
CA ALA B 145 -8.33 -25.02 -19.71
C ALA B 145 -8.26 -26.53 -19.59
N LYS B 146 -7.06 -27.10 -19.44
CA LYS B 146 -6.94 -28.54 -19.35
C LYS B 146 -6.84 -29.07 -17.91
N ALA B 147 -6.48 -28.19 -16.98
CA ALA B 147 -6.39 -28.54 -15.59
C ALA B 147 -7.77 -28.49 -14.94
N GLU B 148 -8.48 -27.41 -15.21
CA GLU B 148 -9.79 -27.11 -14.66
C GLU B 148 -10.59 -26.38 -15.74
N PRO B 149 -11.30 -27.18 -16.58
CA PRO B 149 -12.05 -26.75 -17.77
C PRO B 149 -13.03 -25.61 -17.51
N LYS B 150 -13.68 -25.65 -16.35
CA LYS B 150 -14.64 -24.61 -15.93
C LYS B 150 -14.04 -23.20 -15.90
N ILE B 151 -12.71 -23.09 -16.04
CA ILE B 151 -12.09 -21.77 -16.20
C ILE B 151 -12.58 -21.06 -17.48
N ALA B 152 -12.83 -21.83 -18.54
CA ALA B 152 -13.36 -21.29 -19.79
C ALA B 152 -14.78 -20.73 -19.61
N GLU B 153 -15.57 -21.37 -18.75
CA GLU B 153 -16.88 -20.85 -18.39
C GLU B 153 -16.77 -19.51 -17.67
N VAL B 154 -15.67 -19.32 -16.94
CA VAL B 154 -15.40 -18.03 -16.29
C VAL B 154 -14.97 -17.01 -17.33
N ALA B 155 -14.02 -17.38 -18.18
CA ALA B 155 -13.65 -16.53 -19.29
C ALA B 155 -14.87 -16.05 -20.12
N ALA B 156 -15.71 -16.99 -20.56
CA ALA B 156 -16.90 -16.69 -21.39
C ALA B 156 -17.91 -15.82 -20.69
N HIS B 157 -18.01 -15.98 -19.37
CA HIS B 157 -18.99 -15.23 -18.59
C HIS B 157 -18.56 -13.80 -18.31
N TYR B 158 -17.29 -13.65 -17.97
CA TYR B 158 -16.75 -12.33 -17.71
C TYR B 158 -16.39 -11.71 -19.02
N ASP B 159 -16.39 -12.53 -20.08
CA ASP B 159 -16.14 -12.07 -21.43
C ASP B 159 -14.73 -11.47 -21.56
N VAL B 160 -13.74 -12.14 -20.91
CA VAL B 160 -12.35 -11.66 -20.82
C VAL B 160 -11.37 -12.43 -21.73
N PRO B 161 -10.28 -11.76 -22.18
CA PRO B 161 -9.25 -12.51 -22.95
C PRO B 161 -8.67 -13.61 -22.10
N ILE B 162 -8.46 -14.80 -22.64
CA ILE B 162 -7.80 -15.87 -21.89
C ILE B 162 -6.54 -16.37 -22.66
N ILE B 163 -5.41 -16.50 -21.97
CA ILE B 163 -4.18 -17.03 -22.60
C ILE B 163 -4.14 -18.51 -22.35
N LEU B 164 -4.05 -19.31 -23.40
CA LEU B 164 -4.06 -20.76 -23.24
C LEU B 164 -2.69 -21.27 -23.55
N MET B 165 -1.91 -21.62 -22.54
CA MET B 165 -0.51 -22.03 -22.73
C MET B 165 -0.36 -23.49 -23.07
N HIS B 166 0.57 -23.85 -23.95
CA HIS B 166 0.94 -25.25 -24.15
C HIS B 166 1.61 -25.86 -22.93
N ASN B 167 0.95 -26.82 -22.34
CA ASN B 167 1.58 -27.62 -21.31
C ASN B 167 1.16 -29.07 -21.54
N ARG B 168 1.94 -30.01 -21.00
CA ARG B 168 1.52 -31.42 -20.93
C ARG B 168 2.25 -32.16 -19.83
N ASP B 169 1.77 -33.33 -19.44
CA ASP B 169 2.40 -34.02 -18.30
C ASP B 169 3.58 -34.93 -18.65
N ASN B 170 4.05 -34.91 -19.88
CA ASN B 170 5.20 -35.76 -20.26
C ASN B 170 6.02 -35.01 -21.32
N MET B 171 7.15 -35.56 -21.73
CA MET B 171 8.00 -34.90 -22.73
C MET B 171 8.25 -35.80 -23.93
N ASN B 172 7.26 -36.64 -24.24
CA ASN B 172 7.36 -37.58 -25.33
C ASN B 172 6.70 -37.08 -26.60
N TYR B 173 7.49 -36.45 -27.46
CA TYR B 173 6.94 -35.93 -28.68
C TYR B 173 7.34 -36.75 -29.90
N ARG B 174 6.35 -37.13 -30.71
CA ARG B 174 6.56 -37.73 -32.01
C ARG B 174 7.19 -36.71 -32.96
N ASN B 175 6.65 -35.49 -32.91
CA ASN B 175 7.06 -34.34 -33.71
C ASN B 175 6.60 -33.16 -32.87
N LEU B 176 7.57 -32.50 -32.22
CA LEU B 176 7.33 -31.46 -31.23
C LEU B 176 6.30 -30.50 -31.73
N MET B 177 6.59 -29.87 -32.85
CA MET B 177 5.78 -28.74 -33.26
C MET B 177 4.34 -29.08 -33.64
N ALA B 178 4.17 -30.25 -34.28
CA ALA B 178 2.88 -30.78 -34.68
C ALA B 178 2.12 -31.22 -33.47
N ASP B 179 2.80 -31.89 -32.55
CA ASP B 179 2.22 -32.18 -31.22
C ASP B 179 1.77 -30.96 -30.42
N MET B 180 2.60 -29.92 -30.32
CA MET B 180 2.20 -28.72 -29.58
C MET B 180 0.98 -28.03 -30.22
N ILE B 181 0.93 -28.02 -31.55
CA ILE B 181 -0.20 -27.43 -32.28
C ILE B 181 -1.44 -28.27 -32.07
N ALA B 182 -1.31 -29.58 -32.20
CA ALA B 182 -2.35 -30.50 -31.75
C ALA B 182 -2.84 -30.21 -30.30
N ASP B 183 -1.92 -30.11 -29.34
CA ASP B 183 -2.32 -29.78 -27.97
C ASP B 183 -3.00 -28.40 -27.83
N LEU B 184 -2.44 -27.40 -28.48
CA LEU B 184 -3.08 -26.08 -28.47
C LEU B 184 -4.50 -26.04 -29.09
N TYR B 185 -4.75 -26.79 -30.17
CA TYR B 185 -6.11 -26.99 -30.69
CA TYR B 185 -6.11 -26.89 -30.66
C TYR B 185 -7.06 -27.65 -29.71
N ASP B 186 -6.57 -28.65 -28.98
CA ASP B 186 -7.40 -29.26 -27.93
C ASP B 186 -7.90 -28.20 -26.91
N SER B 187 -7.01 -27.25 -26.56
CA SER B 187 -7.31 -26.20 -25.58
C SER B 187 -8.33 -25.23 -26.18
N ILE B 188 -8.13 -24.85 -27.44
CA ILE B 188 -9.05 -23.97 -28.18
C ILE B 188 -10.46 -24.58 -28.22
N LYS B 189 -10.54 -25.88 -28.47
CA LYS B 189 -11.82 -26.56 -28.50
C LYS B 189 -12.52 -26.45 -27.15
N ILE B 190 -11.77 -26.56 -26.04
CA ILE B 190 -12.39 -26.47 -24.71
C ILE B 190 -12.93 -25.06 -24.45
N ALA B 191 -12.13 -24.05 -24.79
CA ALA B 191 -12.54 -22.66 -24.67
C ALA B 191 -13.85 -22.32 -25.42
N LYS B 192 -13.94 -22.75 -26.68
CA LYS B 192 -15.08 -22.46 -27.52
C LYS B 192 -16.29 -23.33 -27.21
N ASP B 193 -16.02 -24.56 -26.76
CA ASP B 193 -17.03 -25.48 -26.22
C ASP B 193 -17.74 -24.86 -25.02
N ALA B 194 -17.04 -24.01 -24.30
CA ALA B 194 -17.61 -23.35 -23.12
C ALA B 194 -18.06 -21.91 -23.40
N GLY B 195 -17.78 -21.42 -24.60
CA GLY B 195 -18.34 -20.15 -25.06
C GLY B 195 -17.39 -19.01 -25.34
N VAL B 196 -16.09 -19.19 -25.11
CA VAL B 196 -15.07 -18.17 -25.42
C VAL B 196 -15.04 -17.75 -26.90
N ARG B 197 -15.16 -16.44 -27.14
CA ARG B 197 -15.17 -15.87 -28.49
C ARG B 197 -13.77 -15.89 -29.03
N ASP B 198 -13.63 -16.15 -30.33
CA ASP B 198 -12.30 -16.28 -30.92
C ASP B 198 -11.38 -15.15 -30.56
N GLU B 199 -11.93 -13.95 -30.52
CA GLU B 199 -11.16 -12.74 -30.25
C GLU B 199 -10.65 -12.61 -28.82
N ASN B 200 -11.17 -13.46 -27.95
CA ASN B 200 -10.63 -13.57 -26.61
C ASN B 200 -9.70 -14.75 -26.37
N ILE B 201 -9.23 -15.41 -27.44
CA ILE B 201 -8.21 -16.49 -27.32
C ILE B 201 -6.81 -15.99 -27.69
N ILE B 202 -5.85 -16.30 -26.82
CA ILE B 202 -4.42 -16.03 -27.03
C ILE B 202 -3.60 -17.34 -26.79
N LEU B 203 -2.69 -17.70 -27.70
CA LEU B 203 -1.94 -18.94 -27.52
C LEU B 203 -0.57 -18.63 -26.98
N ASP B 204 0.03 -19.60 -26.32
CA ASP B 204 1.38 -19.46 -25.82
C ASP B 204 2.06 -20.83 -25.99
N PRO B 205 3.28 -20.88 -26.56
CA PRO B 205 3.98 -22.16 -26.80
C PRO B 205 4.55 -22.90 -25.53
N GLY B 206 4.50 -22.28 -24.35
CA GLY B 206 4.98 -22.89 -23.14
C GLY B 206 6.46 -23.27 -23.14
N ILE B 207 7.30 -22.33 -23.56
CA ILE B 207 8.78 -22.54 -23.51
C ILE B 207 9.23 -22.65 -22.06
N GLY B 208 9.84 -23.77 -21.69
CA GLY B 208 10.10 -24.03 -20.30
C GLY B 208 9.17 -25.05 -19.65
N PHE B 209 8.14 -25.54 -20.36
CA PHE B 209 7.17 -26.47 -19.76
C PHE B 209 7.05 -27.70 -20.60
N ALA B 210 7.27 -28.83 -19.94
CA ALA B 210 7.14 -30.16 -20.53
C ALA B 210 8.01 -30.26 -21.76
N LYS B 211 9.22 -29.72 -21.66
CA LYS B 211 10.20 -29.76 -22.77
C LYS B 211 11.64 -29.91 -22.23
N THR B 212 12.45 -30.78 -22.86
CA THR B 212 13.91 -30.83 -22.65
C THR B 212 14.55 -29.50 -23.07
N PRO B 213 15.76 -29.17 -22.59
CA PRO B 213 16.39 -27.93 -23.08
C PRO B 213 16.41 -27.80 -24.61
N GLU B 214 16.73 -28.88 -25.31
CA GLU B 214 16.78 -28.92 -26.78
C GLU B 214 15.39 -28.83 -27.49
N GLN B 215 14.33 -29.27 -26.80
CA GLN B 215 13.00 -29.07 -27.32
C GLN B 215 12.59 -27.61 -27.21
N ASN B 216 13.16 -26.89 -26.23
CA ASN B 216 12.82 -25.48 -26.07
C ASN B 216 13.48 -24.70 -27.15
N LEU B 217 14.66 -25.11 -27.53
CA LEU B 217 15.36 -24.43 -28.61
C LEU B 217 14.67 -24.69 -29.91
N GLU B 218 14.19 -25.92 -30.09
CA GLU B 218 13.46 -26.37 -31.26
C GLU B 218 12.15 -25.61 -31.44
N ALA B 219 11.41 -25.41 -30.34
CA ALA B 219 10.16 -24.67 -30.40
C ALA B 219 10.46 -23.21 -30.74
N MET B 220 11.51 -22.64 -30.16
CA MET B 220 11.93 -21.29 -30.50
C MET B 220 12.27 -21.10 -31.99
N ARG B 221 13.02 -22.07 -32.53
CA ARG B 221 13.46 -22.07 -33.91
C ARG B 221 12.28 -22.12 -34.88
N ASN B 222 11.19 -22.79 -34.44
CA ASN B 222 10.05 -23.11 -35.28
C ASN B 222 8.77 -22.38 -34.88
N LEU B 223 8.94 -21.35 -34.06
CA LEU B 223 7.84 -20.60 -33.49
C LEU B 223 6.82 -20.10 -34.49
N GLU B 224 7.27 -19.64 -35.67
CA GLU B 224 6.36 -19.08 -36.72
C GLU B 224 5.25 -20.06 -37.12
N GLN B 225 5.44 -21.35 -36.82
CA GLN B 225 4.43 -22.40 -37.17
C GLN B 225 3.12 -22.24 -36.37
N LEU B 226 3.19 -21.63 -35.20
CA LEU B 226 1.99 -21.36 -34.37
C LEU B 226 1.06 -20.40 -35.03
N ASN B 227 1.61 -19.54 -35.89
CA ASN B 227 0.81 -18.50 -36.54
C ASN B 227 -0.29 -19.02 -37.42
N VAL B 228 -0.18 -20.27 -37.91
CA VAL B 228 -1.20 -20.81 -38.81
C VAL B 228 -2.49 -21.05 -38.05
N LEU B 229 -2.46 -21.07 -36.72
CA LEU B 229 -3.68 -21.35 -36.00
C LEU B 229 -4.68 -20.17 -35.99
N GLY B 230 -4.19 -18.94 -36.24
CA GLY B 230 -5.08 -17.80 -36.42
C GLY B 230 -5.25 -16.86 -35.23
N TYR B 231 -4.54 -17.11 -34.13
CA TYR B 231 -4.65 -16.36 -32.87
C TYR B 231 -3.39 -15.64 -32.48
N PRO B 232 -3.49 -14.51 -31.77
CA PRO B 232 -2.30 -13.91 -31.20
C PRO B 232 -1.46 -14.90 -30.36
N VAL B 233 -0.15 -14.64 -30.33
CA VAL B 233 0.79 -15.47 -29.57
C VAL B 233 1.56 -14.67 -28.47
N LEU B 234 1.58 -15.24 -27.27
CA LEU B 234 2.39 -14.72 -26.18
C LEU B 234 3.61 -15.61 -25.97
N LEU B 235 4.76 -14.98 -25.88
CA LEU B 235 6.01 -15.67 -25.62
C LEU B 235 6.56 -15.37 -24.25
N GLY B 236 6.72 -16.42 -23.46
CA GLY B 236 7.31 -16.33 -22.13
C GLY B 236 8.59 -17.14 -21.94
N THR B 237 9.72 -16.46 -22.01
CA THR B 237 11.01 -17.10 -21.88
C THR B 237 11.95 -16.46 -20.82
N SER B 238 11.54 -15.33 -20.22
CA SER B 238 12.36 -14.48 -19.30
C SER B 238 12.93 -15.36 -18.21
N ARG B 239 14.25 -15.57 -18.32
CA ARG B 239 15.17 -16.08 -17.28
C ARG B 239 15.16 -17.59 -17.13
N LYS B 240 14.54 -18.25 -18.10
CA LYS B 240 14.22 -19.65 -17.97
C LYS B 240 15.46 -20.54 -18.01
N SER B 241 15.37 -21.75 -17.49
CA SER B 241 16.60 -22.52 -17.37
C SER B 241 17.27 -22.95 -18.67
N PHE B 242 16.52 -23.00 -19.76
CA PHE B 242 17.15 -23.27 -21.06
C PHE B 242 18.11 -22.18 -21.52
N ILE B 243 18.01 -21.00 -20.94
CA ILE B 243 19.00 -19.96 -21.23
C ILE B 243 20.25 -20.24 -20.44
N GLY B 244 20.03 -20.62 -19.19
CA GLY B 244 21.10 -21.07 -18.31
C GLY B 244 21.88 -22.23 -18.90
N HIS B 245 21.19 -23.15 -19.60
CA HIS B 245 21.86 -24.32 -20.17
C HIS B 245 22.69 -23.92 -21.35
N VAL B 246 22.20 -23.02 -22.17
CA VAL B 246 23.02 -22.58 -23.31
C VAL B 246 24.22 -21.74 -22.83
N LEU B 247 23.93 -20.78 -21.97
CA LEU B 247 24.90 -19.77 -21.59
C LEU B 247 25.79 -20.16 -20.44
N ASP B 248 25.44 -21.23 -19.72
CA ASP B 248 26.12 -21.66 -18.47
C ASP B 248 26.18 -20.56 -17.42
N LEU B 249 25.04 -19.86 -17.20
CA LEU B 249 24.88 -18.71 -16.34
C LEU B 249 23.63 -18.78 -15.37
N PRO B 250 23.74 -18.31 -14.09
CA PRO B 250 22.56 -18.44 -13.20
C PRO B 250 21.45 -17.45 -13.48
N VAL B 251 20.30 -17.63 -12.84
CA VAL B 251 19.11 -16.81 -13.09
C VAL B 251 19.32 -15.29 -13.13
N GLU B 252 20.07 -14.69 -12.24
CA GLU B 252 20.30 -13.25 -12.30
C GLU B 252 21.22 -12.78 -13.45
N GLU B 253 21.83 -13.73 -14.17
CA GLU B 253 22.76 -13.47 -15.28
C GLU B 253 22.18 -13.85 -16.68
N ARG B 254 20.86 -13.85 -16.80
CA ARG B 254 20.21 -14.27 -18.04
C ARG B 254 19.55 -13.15 -18.85
N LEU B 255 19.97 -11.91 -18.65
CA LEU B 255 19.31 -10.79 -19.33
C LEU B 255 19.55 -10.80 -20.81
N GLU B 256 20.77 -11.06 -21.25
CA GLU B 256 21.16 -11.05 -22.65
C GLU B 256 20.65 -12.24 -23.40
N GLY B 257 20.74 -13.42 -22.78
CA GLY B 257 20.03 -14.59 -23.29
C GLY B 257 18.52 -14.36 -23.48
N THR B 258 17.85 -13.76 -22.48
CA THR B 258 16.39 -13.53 -22.54
C THR B 258 16.06 -12.59 -23.71
N GLY B 259 16.85 -11.54 -23.84
CA GLY B 259 16.84 -10.65 -24.98
C GLY B 259 16.93 -11.30 -26.33
N ALA B 260 17.77 -12.34 -26.47
CA ALA B 260 17.86 -13.02 -27.74
C ALA B 260 16.56 -13.78 -28.07
N THR B 261 15.94 -14.45 -27.11
CA THR B 261 14.64 -15.11 -27.30
C THR B 261 13.48 -14.08 -27.60
N VAL B 262 13.45 -12.96 -26.91
CA VAL B 262 12.47 -11.90 -27.21
C VAL B 262 12.62 -11.40 -28.62
N CYS B 263 13.84 -11.12 -29.01
CA CYS B 263 14.10 -10.77 -30.41
C CYS B 263 13.66 -11.83 -31.40
N LEU B 264 14.07 -13.09 -31.19
CA LEU B 264 13.73 -14.11 -32.16
C LEU B 264 12.22 -14.32 -32.19
N GLY B 265 11.58 -14.27 -31.02
CA GLY B 265 10.16 -14.49 -30.93
C GLY B 265 9.34 -13.42 -31.61
N ILE B 266 9.81 -12.17 -31.60
CA ILE B 266 9.16 -11.08 -32.34
C ILE B 266 9.38 -11.20 -33.86
N GLU B 267 10.60 -11.47 -34.26
CA GLU B 267 10.86 -11.66 -35.69
C GLU B 267 10.01 -12.83 -36.23
N LYS B 268 9.55 -13.71 -35.36
CA LYS B 268 8.73 -14.83 -35.75
C LYS B 268 7.24 -14.57 -35.63
N GLY B 269 6.83 -13.31 -35.28
CA GLY B 269 5.44 -12.91 -35.29
C GLY B 269 4.67 -12.99 -33.99
N CYS B 270 5.34 -13.08 -32.87
CA CYS B 270 4.58 -13.12 -31.65
C CYS B 270 4.05 -11.71 -31.23
N GLU B 271 2.98 -11.70 -30.45
CA GLU B 271 2.28 -10.41 -30.21
C GLU B 271 2.54 -9.80 -28.79
N PHE B 272 2.82 -10.67 -27.81
CA PHE B 272 3.13 -10.30 -26.46
C PHE B 272 4.43 -11.01 -26.09
N VAL B 273 5.24 -10.39 -25.21
CA VAL B 273 6.28 -11.14 -24.47
C VAL B 273 6.10 -10.93 -22.95
N ARG B 274 6.27 -12.00 -22.18
CA ARG B 274 6.14 -12.00 -20.76
C ARG B 274 7.53 -11.96 -20.12
N VAL B 275 7.83 -10.85 -19.44
CA VAL B 275 9.20 -10.55 -19.07
C VAL B 275 9.36 -10.01 -17.67
N HIS B 276 10.45 -10.36 -16.99
CA HIS B 276 10.82 -9.71 -15.72
C HIS B 276 11.51 -8.38 -15.91
N ASP B 277 12.34 -8.26 -16.95
CA ASP B 277 13.18 -7.07 -17.12
C ASP B 277 12.49 -6.09 -18.08
N VAL B 278 11.47 -5.42 -17.55
CA VAL B 278 10.63 -4.64 -18.39
C VAL B 278 11.42 -3.60 -19.17
N LYS B 279 12.32 -2.86 -18.52
CA LYS B 279 13.02 -1.74 -19.18
C LYS B 279 13.90 -2.16 -20.39
N GLU B 280 14.72 -3.19 -20.16
CA GLU B 280 15.62 -3.65 -21.13
C GLU B 280 14.83 -4.28 -22.29
N MET B 281 13.86 -5.16 -21.98
CA MET B 281 13.11 -5.91 -23.02
C MET B 281 12.18 -5.02 -23.82
N SER B 282 11.76 -3.90 -23.24
CA SER B 282 10.94 -2.87 -23.95
C SER B 282 11.68 -2.12 -25.01
N ARG B 283 12.88 -1.67 -24.67
CA ARG B 283 13.80 -1.08 -25.63
C ARG B 283 14.11 -2.05 -26.78
N MET B 284 14.36 -3.33 -26.44
CA MET B 284 14.64 -4.34 -27.45
C MET B 284 13.45 -4.62 -28.37
N ALA B 285 12.27 -4.79 -27.80
CA ALA B 285 11.04 -5.00 -28.55
C ALA B 285 10.75 -3.78 -29.43
N LYS B 286 11.02 -2.60 -28.92
CA LYS B 286 10.84 -1.34 -29.67
C LYS B 286 11.75 -1.32 -30.89
N MET B 287 13.01 -1.77 -30.76
CA MET B 287 13.91 -1.69 -31.88
C MET B 287 13.61 -2.78 -32.92
N MET B 288 13.31 -4.03 -32.48
CA MET B 288 12.70 -5.07 -33.36
C MET B 288 11.48 -4.58 -34.19
N ASP B 289 10.37 -4.24 -33.53
CA ASP B 289 9.24 -3.58 -34.24
C ASP B 289 9.67 -2.59 -35.33
N ALA B 290 10.64 -1.73 -35.02
CA ALA B 290 11.01 -0.78 -36.05
C ALA B 290 11.74 -1.47 -37.21
N MET B 291 12.61 -2.43 -36.93
CA MET B 291 13.24 -3.14 -38.05
C MET B 291 12.28 -4.04 -38.83
N ILE B 292 11.54 -4.94 -38.16
CA ILE B 292 10.69 -5.88 -38.91
C ILE B 292 9.50 -5.15 -39.57
N GLY B 293 9.15 -3.94 -39.10
CA GLY B 293 8.19 -3.07 -39.76
C GLY B 293 6.83 -3.01 -39.10
N LYS B 294 6.72 -3.37 -37.83
CA LYS B 294 5.41 -3.38 -37.10
C LYS B 294 4.81 -1.97 -36.98
#